data_7VXT
#
_entry.id   7VXT
#
_cell.length_a   85.726
_cell.length_b   115.891
_cell.length_c   46.812
_cell.angle_alpha   90.000
_cell.angle_beta   90.000
_cell.angle_gamma   90.000
#
_symmetry.space_group_name_H-M   'C 2 2 21'
#
loop_
_entity.id
_entity.type
_entity.pdbx_description
1 polymer BPSL1038
2 non-polymer BETA-MERCAPTOETHANOL
3 non-polymer 'SODIUM ION'
4 water water
#
_entity_poly.entity_id   1
_entity_poly.type   'polypeptide(L)'
_entity_poly.pdbx_seq_one_letter_code
;(MSE)GSSHHHHHHSSGLVPRGSH(MSE)AGNLVIVCRDQDADAFDQL(MSE)QEYGSFQTRLSSTAWYLN(MSE)NIVP
ETLQEDILERVGKYTTLYIFEATSVTYNTIDSNAAETLSTLFGE
;
_entity_poly.pdbx_strand_id   A,B
#
loop_
_chem_comp.id
_chem_comp.type
_chem_comp.name
_chem_comp.formula
BME non-polymer BETA-MERCAPTOETHANOL 'C2 H6 O S'
NA non-polymer 'SODIUM ION' 'Na 1'
#
# COMPACT_ATOMS: atom_id res chain seq x y z
N HIS A 7 9.31 9.85 -18.90
CA HIS A 7 8.06 9.79 -18.08
C HIS A 7 8.31 8.83 -16.94
N HIS A 8 8.86 9.28 -15.80
CA HIS A 8 8.90 8.39 -14.62
C HIS A 8 7.64 8.42 -13.65
N HIS A 9 6.78 9.47 -13.71
CA HIS A 9 5.55 9.63 -12.88
C HIS A 9 4.38 8.92 -13.57
N HIS A 10 3.57 8.13 -12.86
CA HIS A 10 2.34 7.51 -13.42
C HIS A 10 1.11 7.53 -12.48
N SER A 11 -0.08 7.31 -13.04
CA SER A 11 -1.25 7.19 -12.23
C SER A 11 -2.30 6.28 -12.88
N SER A 12 -3.13 5.67 -12.06
CA SER A 12 -4.17 4.78 -12.54
C SER A 12 -5.38 4.90 -11.58
N GLY A 13 -6.60 4.95 -12.16
CA GLY A 13 -7.86 4.89 -11.39
C GLY A 13 -8.30 3.45 -11.15
N LEU A 14 -7.44 2.47 -11.49
CA LEU A 14 -7.61 1.06 -11.14
C LEU A 14 -9.01 0.57 -11.58
N VAL A 15 -9.28 0.79 -12.85
CA VAL A 15 -10.65 0.71 -13.37
C VAL A 15 -11.02 -0.75 -13.71
N PRO A 16 -12.17 -1.22 -13.22
CA PRO A 16 -12.63 -2.51 -13.73
C PRO A 16 -13.22 -2.35 -15.14
N ARG A 17 -12.58 -2.99 -16.10
CA ARG A 17 -13.06 -3.09 -17.45
C ARG A 17 -12.05 -4.08 -17.96
N GLY A 18 -12.48 -5.00 -18.82
CA GLY A 18 -11.58 -6.00 -19.42
C GLY A 18 -10.95 -6.92 -18.39
N SER A 19 -9.63 -7.14 -18.52
CA SER A 19 -8.94 -8.07 -17.64
C SER A 19 -8.56 -7.47 -16.26
N HIS A 20 -8.86 -6.19 -16.03
CA HIS A 20 -8.61 -5.57 -14.70
C HIS A 20 -9.79 -5.86 -13.80
N MSE A 21 -9.58 -6.70 -12.78
CA MSE A 21 -10.70 -7.14 -11.91
CA MSE A 21 -10.68 -7.15 -11.90
C MSE A 21 -11.14 -5.94 -11.08
O MSE A 21 -10.44 -4.91 -10.97
CB MSE A 21 -10.40 -8.43 -11.10
CB MSE A 21 -10.27 -8.43 -11.13
CG MSE A 21 -10.98 -9.73 -11.71
CG MSE A 21 -9.25 -9.30 -11.89
SE MSE A 21 -10.31 -11.33 -10.70
SE MSE A 21 -9.45 -11.27 -11.73
CE MSE A 21 -11.35 -12.19 -9.29
CE MSE A 21 -7.97 -11.91 -10.59
N ALA A 22 -12.36 -6.02 -10.54
CA ALA A 22 -12.91 -4.89 -9.77
C ALA A 22 -12.16 -4.65 -8.42
N GLY A 23 -11.61 -5.71 -7.82
CA GLY A 23 -11.10 -5.56 -6.44
C GLY A 23 -9.65 -5.14 -6.56
N ASN A 24 -9.24 -4.08 -5.88
CA ASN A 24 -7.87 -3.64 -5.89
C ASN A 24 -7.49 -3.58 -4.39
N LEU A 25 -6.55 -4.40 -3.98
N LEU A 25 -6.55 -4.39 -3.97
CA LEU A 25 -6.21 -4.56 -2.58
CA LEU A 25 -6.22 -4.56 -2.57
C LEU A 25 -4.78 -4.20 -2.38
C LEU A 25 -4.78 -4.32 -2.30
N VAL A 26 -4.48 -3.57 -1.25
CA VAL A 26 -3.08 -3.37 -0.78
C VAL A 26 -2.96 -4.09 0.57
N ILE A 27 -2.03 -5.03 0.63
CA ILE A 27 -1.79 -5.86 1.80
C ILE A 27 -0.43 -5.51 2.41
N VAL A 28 -0.44 -5.21 3.71
CA VAL A 28 0.76 -4.81 4.40
C VAL A 28 0.95 -5.70 5.62
N CYS A 29 2.15 -6.25 5.83
CA CYS A 29 2.47 -6.97 7.07
C CYS A 29 3.62 -6.27 7.81
N ARG A 30 3.99 -6.81 8.95
CA ARG A 30 5.15 -6.35 9.63
C ARG A 30 6.43 -6.99 9.10
N ASP A 31 7.56 -6.27 9.29
CA ASP A 31 8.88 -6.75 8.80
C ASP A 31 9.14 -8.23 9.17
N GLN A 32 8.82 -8.61 10.39
CA GLN A 32 9.16 -9.97 10.83
C GLN A 32 8.44 -11.06 10.06
N ASP A 33 7.31 -10.75 9.41
CA ASP A 33 6.57 -11.74 8.65
C ASP A 33 6.72 -11.65 7.11
N ALA A 34 7.68 -10.87 6.63
CA ALA A 34 7.80 -10.55 5.22
C ALA A 34 7.83 -11.82 4.31
N ASP A 35 8.74 -12.72 4.62
CA ASP A 35 8.99 -13.95 3.83
C ASP A 35 7.71 -14.85 3.83
N ALA A 36 7.04 -14.97 4.96
CA ALA A 36 5.83 -15.83 5.03
C ALA A 36 4.68 -15.25 4.20
N PHE A 37 4.52 -13.90 4.24
CA PHE A 37 3.47 -13.29 3.42
C PHE A 37 3.83 -13.40 1.95
N ASP A 38 5.08 -13.24 1.61
CA ASP A 38 5.43 -13.40 0.19
C ASP A 38 5.13 -14.81 -0.38
N GLN A 39 5.46 -15.85 0.39
CA GLN A 39 5.09 -17.22 -0.02
C GLN A 39 3.62 -17.33 -0.31
N LEU A 40 2.82 -16.76 0.56
CA LEU A 40 1.42 -16.83 0.38
C LEU A 40 0.93 -15.98 -0.83
N MSE A 41 1.50 -14.79 -1.00
CA MSE A 41 1.04 -13.91 -2.08
C MSE A 41 1.36 -14.48 -3.45
O MSE A 41 0.59 -14.28 -4.39
CB MSE A 41 1.66 -12.56 -1.92
CG MSE A 41 1.11 -11.79 -0.72
SE MSE A 41 -0.82 -11.42 -0.72
CE MSE A 41 -0.90 -10.68 -2.47
N GLN A 42 2.40 -15.31 -3.55
CA GLN A 42 2.81 -15.84 -4.79
C GLN A 42 1.74 -16.80 -5.32
N GLU A 43 0.92 -17.33 -4.45
CA GLU A 43 -0.17 -18.18 -4.91
C GLU A 43 -1.18 -17.49 -5.84
N TYR A 44 -1.26 -16.16 -5.80
CA TYR A 44 -2.17 -15.35 -6.67
C TYR A 44 -1.58 -15.06 -8.08
N GLY A 45 -0.41 -15.60 -8.37
CA GLY A 45 0.20 -15.60 -9.68
C GLY A 45 0.55 -14.20 -10.17
N SER A 46 0.15 -13.89 -11.40
CA SER A 46 0.41 -12.59 -12.04
CA SER A 46 0.47 -12.59 -12.01
C SER A 46 -0.53 -11.49 -11.61
N PHE A 47 -1.49 -11.80 -10.76
CA PHE A 47 -2.47 -10.82 -10.26
C PHE A 47 -2.02 -10.05 -9.06
N GLN A 48 -0.81 -10.31 -8.60
CA GLN A 48 -0.20 -9.55 -7.54
C GLN A 48 1.19 -9.12 -7.92
N THR A 49 1.68 -8.08 -7.24
CA THR A 49 3.05 -7.70 -7.31
C THR A 49 3.53 -7.22 -5.92
N ARG A 50 4.74 -7.55 -5.60
CA ARG A 50 5.39 -7.14 -4.36
C ARG A 50 5.96 -5.73 -4.47
N LEU A 51 5.45 -4.81 -3.68
CA LEU A 51 5.88 -3.45 -3.76
C LEU A 51 7.13 -3.16 -2.92
N SER A 52 7.22 -3.82 -1.77
CA SER A 52 8.30 -3.77 -0.87
C SER A 52 8.36 -5.10 -0.12
N SER A 53 9.32 -5.24 0.80
CA SER A 53 9.43 -6.48 1.57
C SER A 53 8.13 -6.81 2.32
N THR A 54 7.33 -5.80 2.64
CA THR A 54 6.11 -6.00 3.47
C THR A 54 4.80 -5.48 2.88
N ALA A 55 4.79 -5.14 1.61
CA ALA A 55 3.58 -4.63 0.93
C ALA A 55 3.39 -5.20 -0.44
N TRP A 56 2.15 -5.55 -0.73
CA TRP A 56 1.79 -6.15 -2.00
C TRP A 56 0.53 -5.44 -2.52
N TYR A 57 0.40 -5.40 -3.84
CA TYR A 57 -0.81 -5.05 -4.51
C TYR A 57 -1.41 -6.32 -5.13
N LEU A 58 -2.73 -6.49 -4.97
CA LEU A 58 -3.48 -7.64 -5.46
C LEU A 58 -4.69 -7.16 -6.22
N ASN A 59 -4.80 -7.58 -7.48
CA ASN A 59 -6.01 -7.32 -8.26
C ASN A 59 -6.84 -8.60 -8.26
N MSE A 60 -7.85 -8.65 -7.43
CA MSE A 60 -8.69 -9.86 -7.27
CA MSE A 60 -8.71 -9.84 -7.32
C MSE A 60 -10.01 -9.48 -6.66
O MSE A 60 -10.06 -8.61 -5.77
CB MSE A 60 -7.94 -10.73 -6.29
CB MSE A 60 -7.99 -10.91 -6.50
CG MSE A 60 -8.63 -12.05 -6.08
CG MSE A 60 -8.61 -12.22 -6.93
SE MSE A 60 -8.54 -13.07 -7.77
SE MSE A 60 -7.40 -13.73 -6.60
CE MSE A 60 -6.68 -12.96 -8.46
CE MSE A 60 -8.11 -13.59 -4.77
N ASN A 61 -11.09 -10.11 -7.12
CA ASN A 61 -12.39 -9.89 -6.58
C ASN A 61 -12.59 -10.75 -5.35
N ILE A 62 -12.06 -10.24 -4.24
CA ILE A 62 -12.21 -10.90 -2.96
CA ILE A 62 -12.16 -10.90 -2.93
C ILE A 62 -12.53 -9.85 -1.92
N VAL A 63 -13.52 -10.14 -1.06
CA VAL A 63 -13.91 -9.25 -0.01
C VAL A 63 -12.67 -9.13 0.96
N PRO A 64 -12.26 -7.92 1.30
CA PRO A 64 -11.13 -7.80 2.22
C PRO A 64 -11.18 -8.61 3.49
N GLU A 65 -12.34 -8.73 4.14
CA GLU A 65 -12.43 -9.46 5.39
C GLU A 65 -12.22 -10.91 5.14
N THR A 66 -12.59 -11.38 3.96
CA THR A 66 -12.37 -12.77 3.62
C THR A 66 -10.93 -13.11 3.36
N LEU A 67 -10.23 -12.24 2.64
CA LEU A 67 -8.79 -12.39 2.50
C LEU A 67 -8.12 -12.37 3.86
N GLN A 68 -8.58 -11.47 4.75
CA GLN A 68 -7.99 -11.42 6.07
C GLN A 68 -8.13 -12.78 6.81
N GLU A 69 -9.31 -13.39 6.77
CA GLU A 69 -9.55 -14.70 7.46
C GLU A 69 -8.68 -15.72 6.80
N ASP A 70 -8.59 -15.66 5.49
CA ASP A 70 -7.70 -16.64 4.79
C ASP A 70 -6.26 -16.57 5.22
N ILE A 71 -5.71 -15.36 5.26
CA ILE A 71 -4.35 -15.15 5.71
C ILE A 71 -4.09 -15.53 7.15
N LEU A 72 -4.98 -15.17 8.04
CA LEU A 72 -4.82 -15.49 9.42
C LEU A 72 -4.89 -17.02 9.64
N GLU A 73 -5.70 -17.68 8.84
CA GLU A 73 -5.75 -19.18 8.90
C GLU A 73 -4.44 -19.82 8.50
N ARG A 74 -3.74 -19.24 7.52
CA ARG A 74 -2.43 -19.74 7.12
C ARG A 74 -1.26 -19.29 7.95
N VAL A 75 -1.15 -18.03 8.32
CA VAL A 75 0.03 -17.55 9.01
C VAL A 75 -0.16 -17.54 10.53
N GLY A 76 -1.38 -17.57 11.00
CA GLY A 76 -1.68 -17.60 12.42
C GLY A 76 -2.53 -16.42 12.87
N LYS A 77 -3.44 -16.69 13.79
CA LYS A 77 -4.41 -15.72 14.18
C LYS A 77 -3.90 -14.53 14.97
N TYR A 78 -2.65 -14.57 15.46
CA TYR A 78 -2.06 -13.46 16.14
C TYR A 78 -1.12 -12.66 15.18
N THR A 79 -1.27 -12.82 13.89
CA THR A 79 -0.40 -12.12 12.93
C THR A 79 -0.93 -10.72 12.67
N THR A 80 -0.05 -9.77 12.50
CA THR A 80 -0.45 -8.37 12.20
C THR A 80 -0.62 -8.27 10.67
N LEU A 81 -1.72 -7.69 10.25
CA LEU A 81 -1.89 -7.36 8.83
CA LEU A 81 -1.90 -7.36 8.82
C LEU A 81 -2.88 -6.26 8.61
N TYR A 82 -2.73 -5.58 7.47
CA TYR A 82 -3.61 -4.47 7.12
C TYR A 82 -3.98 -4.66 5.66
N ILE A 83 -5.25 -4.67 5.34
CA ILE A 83 -5.72 -4.88 3.97
C ILE A 83 -6.59 -3.66 3.63
N PHE A 84 -6.18 -2.91 2.62
CA PHE A 84 -6.93 -1.74 2.16
C PHE A 84 -7.53 -2.01 0.79
N GLU A 85 -8.73 -1.50 0.55
CA GLU A 85 -9.32 -1.43 -0.77
CA GLU A 85 -9.31 -1.43 -0.77
C GLU A 85 -8.91 -0.10 -1.35
N ALA A 86 -8.27 -0.14 -2.50
CA ALA A 86 -7.77 1.10 -3.16
C ALA A 86 -8.64 1.51 -4.34
N THR A 87 -8.73 2.80 -4.57
CA THR A 87 -9.49 3.31 -5.70
C THR A 87 -8.58 4.04 -6.71
N SER A 88 -7.33 4.30 -6.37
CA SER A 88 -6.36 4.89 -7.31
C SER A 88 -4.96 4.66 -6.82
N VAL A 89 -4.03 4.79 -7.73
CA VAL A 89 -2.60 4.71 -7.40
C VAL A 89 -1.85 5.77 -8.22
N THR A 90 -0.90 6.40 -7.56
CA THR A 90 0.01 7.35 -8.15
C THR A 90 1.34 6.85 -7.79
N TYR A 91 2.22 6.72 -8.78
CA TYR A 91 3.50 6.14 -8.49
C TYR A 91 4.61 6.63 -9.40
N ASN A 92 5.83 6.33 -9.00
CA ASN A 92 7.08 6.73 -9.68
C ASN A 92 7.98 5.50 -9.62
N THR A 93 8.50 5.11 -10.76
CA THR A 93 9.74 4.27 -10.80
C THR A 93 10.83 4.61 -11.87
N ILE A 94 12.06 4.25 -11.56
CA ILE A 94 13.25 4.50 -12.36
C ILE A 94 13.57 3.27 -13.27
N ASP A 95 12.85 2.17 -13.06
CA ASP A 95 13.10 0.88 -13.69
C ASP A 95 12.11 0.66 -14.83
N SER A 96 12.61 0.61 -16.05
CA SER A 96 11.77 0.43 -17.24
C SER A 96 11.02 -0.92 -17.24
N ASN A 97 11.67 -1.99 -16.77
CA ASN A 97 11.04 -3.32 -16.65
C ASN A 97 9.88 -3.29 -15.64
N ALA A 98 10.06 -2.64 -14.50
CA ALA A 98 9.00 -2.59 -13.46
C ALA A 98 7.79 -1.75 -13.96
N ALA A 99 8.06 -0.64 -14.65
CA ALA A 99 7.02 0.24 -15.22
C ALA A 99 6.00 -0.45 -16.19
N GLU A 100 6.48 -1.31 -17.08
CA GLU A 100 5.56 -2.07 -17.98
C GLU A 100 4.70 -3.11 -17.20
N THR A 101 5.31 -3.87 -16.27
CA THR A 101 4.57 -4.77 -15.37
C THR A 101 3.46 -4.01 -14.64
N LEU A 102 3.85 -2.82 -14.18
CA LEU A 102 2.92 -2.08 -13.36
C LEU A 102 1.77 -1.48 -14.15
N SER A 103 2.01 -0.91 -15.32
CA SER A 103 0.86 -0.38 -16.14
C SER A 103 -0.14 -1.47 -16.47
N THR A 104 0.38 -2.66 -16.74
CA THR A 104 -0.43 -3.81 -17.11
C THR A 104 -1.22 -4.25 -15.91
N LEU A 105 -0.55 -4.33 -14.75
CA LEU A 105 -1.17 -4.83 -13.48
C LEU A 105 -2.17 -3.87 -12.94
N PHE A 106 -1.80 -2.59 -12.96
CA PHE A 106 -2.74 -1.53 -12.65
C PHE A 106 -3.86 -1.18 -13.65
N GLY A 107 -3.66 -1.42 -14.93
CA GLY A 107 -4.51 -0.79 -15.96
C GLY A 107 -4.24 0.72 -15.97
N ALA B 22 -10.74 13.01 6.34
CA ALA B 22 -10.03 13.64 5.16
C ALA B 22 -9.89 12.63 3.97
N GLY B 23 -8.80 12.61 3.22
CA GLY B 23 -8.53 11.52 2.27
C GLY B 23 -7.74 10.45 3.07
N ASN B 24 -7.77 9.21 2.61
CA ASN B 24 -7.11 8.11 3.31
C ASN B 24 -6.11 7.58 2.34
N LEU B 25 -4.81 7.69 2.67
CA LEU B 25 -3.74 7.40 1.72
C LEU B 25 -2.86 6.30 2.33
N VAL B 26 -2.35 5.42 1.49
CA VAL B 26 -1.32 4.48 1.88
C VAL B 26 -0.09 4.77 1.02
N ILE B 27 1.02 4.99 1.70
CA ILE B 27 2.30 5.34 1.05
C ILE B 27 3.28 4.18 1.26
N VAL B 28 3.89 3.71 0.15
CA VAL B 28 4.82 2.56 0.19
C VAL B 28 6.13 2.98 -0.52
N CYS B 29 7.24 2.68 0.08
CA CYS B 29 8.53 2.89 -0.57
C CYS B 29 9.30 1.55 -0.58
N ARG B 30 10.45 1.54 -1.24
CA ARG B 30 11.36 0.38 -1.14
C ARG B 30 12.13 0.41 0.16
N ASP B 31 12.56 -0.77 0.57
CA ASP B 31 13.32 -0.94 1.80
C ASP B 31 14.54 -0.03 1.87
N GLN B 32 15.22 0.17 0.75
CA GLN B 32 16.39 1.04 0.77
C GLN B 32 16.09 2.45 1.23
N ASP B 33 14.86 2.93 1.06
CA ASP B 33 14.53 4.31 1.40
C ASP B 33 13.74 4.49 2.74
N ALA B 34 13.61 3.44 3.51
CA ALA B 34 12.79 3.42 4.70
C ALA B 34 13.08 4.59 5.68
N ASP B 35 14.36 4.83 5.99
CA ASP B 35 14.76 5.90 6.95
C ASP B 35 14.38 7.25 6.43
N ALA B 36 14.62 7.49 5.15
CA ALA B 36 14.31 8.80 4.59
C ALA B 36 12.79 9.05 4.56
N PHE B 37 12.00 8.02 4.18
CA PHE B 37 10.55 8.20 4.19
C PHE B 37 10.02 8.42 5.59
N ASP B 38 10.52 7.67 6.55
CA ASP B 38 9.99 7.87 7.86
C ASP B 38 10.27 9.29 8.44
N GLN B 39 11.45 9.81 8.19
CA GLN B 39 11.74 11.23 8.51
C GLN B 39 10.76 12.16 7.91
N LEU B 40 10.49 11.97 6.65
CA LEU B 40 9.57 12.83 5.96
C LEU B 40 8.12 12.68 6.48
N MSE B 41 7.70 11.43 6.73
CA MSE B 41 6.30 11.20 7.23
C MSE B 41 6.03 11.89 8.59
O MSE B 41 4.91 12.18 8.89
CB MSE B 41 6.02 9.69 7.28
CG MSE B 41 5.92 9.09 5.86
SE MSE B 41 4.54 9.87 4.73
CE MSE B 41 2.98 9.60 5.85
N GLN B 42 7.07 12.14 9.38
CA GLN B 42 6.97 12.87 10.65
CA GLN B 42 6.92 12.83 10.67
C GLN B 42 6.31 14.23 10.57
N GLU B 43 6.43 14.90 9.44
CA GLU B 43 5.77 16.23 9.30
C GLU B 43 4.26 16.16 9.43
N TYR B 44 3.70 14.95 9.22
CA TYR B 44 2.25 14.79 9.30
C TYR B 44 1.69 14.44 10.67
N GLY B 45 2.56 14.34 11.65
CA GLY B 45 2.21 14.28 13.03
C GLY B 45 1.34 13.10 13.41
N SER B 46 0.29 13.38 14.16
CA SER B 46 -0.67 12.33 14.60
C SER B 46 -1.63 11.88 13.49
N PHE B 47 -1.56 12.49 12.30
CA PHE B 47 -2.36 12.08 11.16
C PHE B 47 -1.80 10.97 10.30
N GLN B 48 -0.65 10.46 10.66
CA GLN B 48 -0.02 9.31 10.01
C GLN B 48 0.38 8.32 11.04
N THR B 49 0.44 7.07 10.60
CA THR B 49 1.03 6.00 11.40
C THR B 49 1.85 5.12 10.49
N ARG B 50 2.94 4.62 11.01
CA ARG B 50 3.79 3.75 10.29
C ARG B 50 3.27 2.25 10.43
N LEU B 51 3.04 1.57 9.34
CA LEU B 51 2.55 0.19 9.43
C LEU B 51 3.68 -0.86 9.42
N SER B 52 4.72 -0.56 8.67
CA SER B 52 5.95 -1.38 8.58
C SER B 52 7.12 -0.44 8.30
N SER B 53 8.32 -1.01 8.05
CA SER B 53 9.47 -0.21 7.67
CA SER B 53 9.45 -0.13 7.69
C SER B 53 9.23 0.63 6.42
N THR B 54 8.35 0.14 5.54
CA THR B 54 8.20 0.72 4.22
C THR B 54 6.75 1.13 3.87
N ALA B 55 5.85 1.16 4.83
CA ALA B 55 4.47 1.54 4.56
C ALA B 55 3.90 2.37 5.65
N TRP B 56 3.15 3.41 5.25
CA TRP B 56 2.48 4.34 6.17
C TRP B 56 1.05 4.53 5.75
N TYR B 57 0.22 4.82 6.73
CA TYR B 57 -1.14 5.30 6.49
C TYR B 57 -1.18 6.79 6.81
N LEU B 58 -1.84 7.56 5.98
CA LEU B 58 -2.00 9.01 6.14
C LEU B 58 -3.43 9.44 5.97
N ASN B 59 -3.96 10.17 6.97
CA ASN B 59 -5.28 10.76 6.86
C ASN B 59 -5.08 12.25 6.64
N MSE B 60 -5.21 12.69 5.41
CA MSE B 60 -4.96 14.11 5.03
CA MSE B 60 -4.97 14.11 5.05
C MSE B 60 -5.63 14.46 3.73
O MSE B 60 -5.69 13.65 2.79
CB MSE B 60 -3.48 14.17 4.80
CB MSE B 60 -3.47 14.26 4.92
CG MSE B 60 -3.02 15.52 4.40
CG MSE B 60 -3.12 15.70 4.68
SE MSE B 60 -2.73 16.60 5.97
SE MSE B 60 -1.48 16.11 5.65
CE MSE B 60 -1.12 16.11 4.89
CE MSE B 60 -2.19 15.73 7.48
N ASN B 61 -6.17 15.69 3.66
CA ASN B 61 -6.73 16.28 2.44
CA ASN B 61 -6.73 16.21 2.42
C ASN B 61 -5.58 16.74 1.56
N ILE B 62 -5.00 15.85 0.77
CA ILE B 62 -3.90 16.21 -0.13
C ILE B 62 -4.08 15.49 -1.43
N VAL B 63 -3.80 16.14 -2.53
CA VAL B 63 -3.85 15.50 -3.86
C VAL B 63 -2.68 14.55 -4.02
N PRO B 64 -2.93 13.29 -4.49
CA PRO B 64 -1.81 12.37 -4.50
C PRO B 64 -0.62 12.80 -5.35
N GLU B 65 -0.84 13.47 -6.48
CA GLU B 65 0.30 13.93 -7.29
C GLU B 65 1.11 15.02 -6.58
N THR B 66 0.46 15.82 -5.74
CA THR B 66 1.14 16.83 -4.94
C THR B 66 2.02 16.23 -3.90
N LEU B 67 1.51 15.22 -3.16
CA LEU B 67 2.33 14.46 -2.28
C LEU B 67 3.49 13.79 -2.95
N GLN B 68 3.28 13.18 -4.10
CA GLN B 68 4.30 12.55 -4.84
C GLN B 68 5.42 13.57 -5.25
N GLU B 69 5.03 14.73 -5.79
CA GLU B 69 5.99 15.79 -6.26
C GLU B 69 6.78 16.27 -5.04
N ASP B 70 6.10 16.42 -3.91
CA ASP B 70 6.74 16.79 -2.69
C ASP B 70 7.80 15.83 -2.22
N ILE B 71 7.43 14.55 -2.20
CA ILE B 71 8.36 13.50 -1.83
C ILE B 71 9.56 13.42 -2.76
N LEU B 72 9.36 13.44 -4.06
CA LEU B 72 10.41 13.33 -5.03
C LEU B 72 11.38 14.52 -4.98
N GLU B 73 10.85 15.69 -4.68
CA GLU B 73 11.70 16.90 -4.51
C GLU B 73 12.59 16.79 -3.30
N ARG B 74 12.12 16.14 -2.28
CA ARG B 74 12.93 15.97 -1.08
C ARG B 74 13.78 14.70 -0.94
N VAL B 75 13.33 13.57 -1.48
CA VAL B 75 14.07 12.32 -1.38
CA VAL B 75 14.16 12.37 -1.36
C VAL B 75 14.94 12.06 -2.64
N GLY B 76 14.54 12.62 -3.78
CA GLY B 76 15.22 12.42 -5.04
C GLY B 76 14.27 11.96 -6.13
N LYS B 77 14.46 12.49 -7.33
N LYS B 77 14.44 12.53 -7.32
CA LYS B 77 13.58 12.19 -8.42
CA LYS B 77 13.56 12.22 -8.44
C LYS B 77 13.64 10.77 -8.94
C LYS B 77 13.61 10.76 -8.89
N TYR B 78 14.66 10.01 -8.57
CA TYR B 78 14.70 8.57 -8.99
C TYR B 78 14.09 7.63 -7.96
N THR B 79 13.46 8.16 -6.95
CA THR B 79 12.93 7.29 -5.87
C THR B 79 11.68 6.54 -6.36
N THR B 80 11.59 5.26 -6.04
CA THR B 80 10.36 4.49 -6.26
C THR B 80 9.39 4.81 -5.13
N LEU B 81 8.14 5.07 -5.48
CA LEU B 81 7.08 5.22 -4.49
C LEU B 81 5.74 4.92 -5.05
N TYR B 82 4.83 4.52 -4.18
CA TYR B 82 3.43 4.25 -4.52
C TYR B 82 2.56 4.95 -3.50
N ILE B 83 1.58 5.69 -3.98
CA ILE B 83 0.56 6.32 -3.13
C ILE B 83 -0.83 5.85 -3.58
N PHE B 84 -1.53 5.13 -2.68
CA PHE B 84 -2.83 4.65 -2.97
C PHE B 84 -3.86 5.46 -2.21
N GLU B 85 -4.97 5.73 -2.84
CA GLU B 85 -6.15 6.29 -2.18
C GLU B 85 -6.96 5.09 -1.78
N ALA B 86 -7.32 5.03 -0.50
CA ALA B 86 -8.05 3.86 0.03
C ALA B 86 -9.46 4.23 0.40
N THR B 87 -10.35 3.25 0.24
CA THR B 87 -11.75 3.47 0.61
CA THR B 87 -11.76 3.43 0.56
C THR B 87 -12.19 2.59 1.76
N SER B 88 -11.42 1.58 2.14
CA SER B 88 -11.73 0.79 3.33
C SER B 88 -10.48 0.18 3.84
N VAL B 89 -10.50 -0.21 5.12
CA VAL B 89 -9.41 -0.95 5.71
C VAL B 89 -10.01 -2.07 6.62
N THR B 90 -9.34 -3.22 6.63
CA THR B 90 -9.58 -4.23 7.68
CA THR B 90 -9.58 -4.34 7.57
C THR B 90 -8.20 -4.68 8.15
N TYR B 91 -8.07 -4.87 9.45
CA TYR B 91 -6.77 -5.08 10.03
C TYR B 91 -6.80 -5.89 11.32
N ASN B 92 -5.66 -6.48 11.65
CA ASN B 92 -5.45 -7.07 12.95
C ASN B 92 -4.06 -6.69 13.33
N THR B 93 -3.87 -6.01 14.47
CA THR B 93 -2.52 -5.53 14.75
C THR B 93 -2.03 -5.50 16.21
N ILE B 94 -0.74 -5.77 16.39
CA ILE B 94 -0.07 -5.54 17.68
C ILE B 94 0.40 -4.13 17.95
N ASP B 95 0.26 -3.21 16.95
CA ASP B 95 0.77 -1.89 17.01
C ASP B 95 -0.38 -1.00 17.47
N SER B 96 -0.25 -0.51 18.70
CA SER B 96 -1.30 0.27 19.37
C SER B 96 -1.52 1.59 18.66
N ASN B 97 -0.47 2.23 18.15
CA ASN B 97 -0.61 3.51 17.47
C ASN B 97 -1.33 3.33 16.19
N ALA B 98 -1.04 2.24 15.47
CA ALA B 98 -1.71 2.01 14.19
C ALA B 98 -3.19 1.70 14.39
N ALA B 99 -3.49 0.88 15.41
CA ALA B 99 -4.88 0.51 15.71
C ALA B 99 -5.70 1.75 16.04
N GLU B 100 -5.16 2.59 16.88
CA GLU B 100 -5.84 3.82 17.29
C GLU B 100 -6.03 4.80 16.14
N THR B 101 -4.97 5.00 15.35
CA THR B 101 -5.04 5.95 14.24
C THR B 101 -6.03 5.48 13.18
N LEU B 102 -5.97 4.20 12.79
CA LEU B 102 -6.92 3.66 11.81
C LEU B 102 -8.35 3.68 12.31
N SER B 103 -8.57 3.22 13.57
CA SER B 103 -9.96 3.13 14.08
C SER B 103 -10.54 4.52 14.29
N THR B 104 -9.70 5.54 14.53
CA THR B 104 -10.20 6.85 14.83
C THR B 104 -10.34 7.70 13.59
N LEU B 105 -9.36 7.67 12.69
CA LEU B 105 -9.38 8.52 11.56
C LEU B 105 -9.91 7.96 10.24
N PHE B 106 -9.94 6.64 10.04
CA PHE B 106 -10.21 6.18 8.73
C PHE B 106 -11.63 6.48 8.27
N GLY B 107 -12.57 6.04 9.07
CA GLY B 107 -14.02 6.35 8.86
C GLY B 107 -14.90 5.15 8.47
C1 BME C . 1.47 -16.02 19.29
C2 BME C . 2.10 -15.30 20.47
O1 BME C . 1.34 -17.37 19.71
S2 BME C . 2.48 -13.61 19.98
C1 BME D . -15.49 -7.54 -6.02
C2 BME D . -15.09 -8.04 -4.65
O1 BME D . -14.46 -6.64 -6.45
S2 BME D . -16.09 -9.47 -4.20
NA NA E . -11.96 -6.49 -3.29
C1 BME F . 5.31 0.22 12.75
C2 BME F . 6.61 -0.42 13.19
O1 BME F . 4.86 1.20 13.73
S2 BME F . 7.67 -0.72 11.77
C1 BME G . -0.71 4.36 21.14
C2 BME G . -0.25 5.67 20.49
O1 BME G . 0.42 3.60 21.52
S2 BME G . -1.70 6.53 19.76
C1 BME H . -12.69 10.69 11.04
C2 BME H . -13.80 9.64 10.91
O1 BME H . -12.36 11.09 12.37
S2 BME H . -14.25 9.62 9.15
NA NA I . 7.75 21.03 0.36
#